data_7SEO
#
_entry.id   7SEO
#
_cell.length_a   50.464
_cell.length_b   66.127
_cell.length_c   83.468
_cell.angle_alpha   90.000
_cell.angle_beta   90.870
_cell.angle_gamma   90.000
#
_symmetry.space_group_name_H-M   'P 1 21 1'
#
loop_
_entity.id
_entity.type
_entity.pdbx_description
1 polymer 'Caspase-3 subunit p17'
2 polymer 'Caspase-3 subunit p12'
3 polymer ACE-VAL-ASP-VAL-DAB-ASP
4 water water
#
loop_
_entity_poly.entity_id
_entity_poly.type
_entity_poly.pdbx_seq_one_letter_code
_entity_poly.pdbx_strand_id
1 'polypeptide(L)'
;SGISLDNSYKMDYPEMGLCIIINNKNFHKSTGMTSRSGTDVDAANLRETFRNLKYEVRNKNDLTREEIVELMRDVSKEDH
SKRSSFVCVLLSHGEEGIIFGTNGPVDLKKITNFFRGDRCRSLTGKPKLFIIQACRGTELDCGIET
;
A,C
2 'polypeptide(L)'
;CHKIPVEADFLYAYSTAPGYYSWRNSKDGSWFIQSLCAMLKQYADKLEFMHILTRVNRKVATEFESFSFDATFHAKKQIP
CIVSMLTKELYFYHH
;
B,D
3 'polypeptide(L)' (ACE)VDV(DAB)D F,G
#
# COMPACT_ATOMS: atom_id res chain seq x y z
N LEU A 5 -22.49 -3.65 -0.51
CA LEU A 5 -22.33 -5.08 -0.78
C LEU A 5 -21.79 -5.83 0.43
N ASP A 6 -21.18 -6.97 0.15
CA ASP A 6 -20.73 -7.88 1.21
C ASP A 6 -19.53 -7.31 1.96
N ASN A 7 -19.21 -7.96 3.08
CA ASN A 7 -17.98 -7.70 3.80
C ASN A 7 -16.77 -8.37 3.16
N SER A 8 -16.97 -9.13 2.10
CA SER A 8 -15.90 -9.88 1.46
C SER A 8 -16.23 -10.10 0.00
N TYR A 9 -15.19 -10.30 -0.80
CA TYR A 9 -15.35 -10.51 -2.23
C TYR A 9 -16.00 -11.88 -2.48
N LYS A 10 -16.89 -11.91 -3.47
CA LYS A 10 -17.58 -13.15 -3.85
C LYS A 10 -16.61 -14.02 -4.64
N MET A 11 -16.24 -15.17 -4.08
CA MET A 11 -15.27 -16.07 -4.69
C MET A 11 -15.91 -17.38 -5.17
N ASP A 12 -17.22 -17.54 -5.05
CA ASP A 12 -17.89 -18.77 -5.45
C ASP A 12 -18.34 -18.74 -6.92
N TYR A 13 -17.59 -18.06 -7.78
CA TYR A 13 -17.87 -18.05 -9.20
C TYR A 13 -17.53 -19.41 -9.81
N PRO A 14 -17.88 -19.66 -11.07
CA PRO A 14 -17.42 -20.90 -11.72
C PRO A 14 -15.92 -21.11 -11.65
N GLU A 15 -15.14 -20.11 -12.04
CA GLU A 15 -13.68 -20.18 -11.96
C GLU A 15 -13.17 -19.20 -10.91
N MET A 16 -11.98 -19.49 -10.39
CA MET A 16 -11.31 -18.50 -9.54
C MET A 16 -10.72 -17.38 -10.40
N GLY A 17 -10.19 -17.71 -11.56
CA GLY A 17 -9.81 -16.69 -12.51
C GLY A 17 -8.52 -17.05 -13.22
N LEU A 18 -7.89 -16.02 -13.78
CA LEU A 18 -6.65 -16.16 -14.53
C LEU A 18 -5.47 -15.77 -13.62
N CYS A 19 -4.43 -16.59 -13.64
CA CYS A 19 -3.18 -16.29 -12.95
C CYS A 19 -2.08 -16.25 -14.00
N ILE A 20 -1.64 -15.05 -14.35
CA ILE A 20 -0.64 -14.83 -15.38
C ILE A 20 0.71 -14.59 -14.72
N ILE A 21 1.65 -15.50 -14.97
CA ILE A 21 3.01 -15.39 -14.45
C ILE A 21 3.91 -14.96 -15.60
N ILE A 22 4.59 -13.83 -15.43
CA ILE A 22 5.48 -13.30 -16.45
C ILE A 22 6.90 -13.40 -15.91
N ASN A 23 7.65 -14.37 -16.43
CA ASN A 23 8.97 -14.73 -15.93
C ASN A 23 10.02 -14.38 -16.98
N ASN A 24 10.66 -13.22 -16.81
CA ASN A 24 11.77 -12.82 -17.66
C ASN A 24 13.09 -13.06 -16.91
N LYS A 25 13.85 -14.05 -17.36
CA LYS A 25 15.14 -14.40 -16.79
C LYS A 25 16.31 -13.88 -17.61
N ASN A 26 16.23 -14.00 -18.93
CA ASN A 26 17.31 -13.64 -19.83
C ASN A 26 16.94 -12.34 -20.55
N PHE A 27 17.86 -11.39 -20.55
CA PHE A 27 17.64 -10.07 -21.13
C PHE A 27 18.66 -9.82 -22.24
N HIS A 28 18.25 -9.04 -23.24
CA HIS A 28 19.19 -8.62 -24.27
C HIS A 28 20.35 -7.87 -23.63
N LYS A 29 21.55 -8.11 -24.14
CA LYS A 29 22.73 -7.45 -23.58
C LYS A 29 22.82 -5.99 -23.97
N SER A 30 21.97 -5.52 -24.88
CA SER A 30 21.86 -4.10 -25.16
C SER A 30 21.23 -3.33 -24.00
N THR A 31 20.62 -4.03 -23.06
CA THR A 31 20.01 -3.41 -21.89
C THR A 31 20.97 -3.29 -20.71
N GLY A 32 22.03 -4.10 -20.68
CA GLY A 32 22.86 -4.18 -19.51
C GLY A 32 22.30 -5.02 -18.38
N MET A 33 21.11 -5.58 -18.55
CA MET A 33 20.50 -6.43 -17.53
C MET A 33 21.04 -7.85 -17.65
N THR A 34 21.24 -8.49 -16.50
CA THR A 34 21.88 -9.80 -16.45
C THR A 34 20.85 -10.90 -16.24
N SER A 35 21.30 -12.13 -16.49
CA SER A 35 20.47 -13.32 -16.26
C SER A 35 19.98 -13.34 -14.82
N ARG A 36 18.67 -13.53 -14.65
CA ARG A 36 18.06 -13.57 -13.33
C ARG A 36 18.04 -15.03 -12.86
N SER A 37 19.12 -15.43 -12.20
CA SER A 37 19.27 -16.82 -11.77
C SER A 37 18.38 -17.12 -10.57
N GLY A 38 17.68 -18.24 -10.63
CA GLY A 38 16.77 -18.65 -9.59
C GLY A 38 15.31 -18.30 -9.84
N THR A 39 15.02 -17.58 -10.91
CA THR A 39 13.64 -17.19 -11.19
C THR A 39 12.81 -18.38 -11.66
N ASP A 40 13.44 -19.41 -12.22
CA ASP A 40 12.70 -20.59 -12.63
C ASP A 40 12.08 -21.30 -11.44
N VAL A 41 12.74 -21.26 -10.29
CA VAL A 41 12.16 -21.83 -9.08
C VAL A 41 10.95 -21.01 -8.63
N ASP A 42 11.03 -19.68 -8.76
CA ASP A 42 9.92 -18.82 -8.39
C ASP A 42 8.70 -19.09 -9.27
N ALA A 43 8.88 -18.99 -10.59
CA ALA A 43 7.77 -19.21 -11.52
C ALA A 43 7.16 -20.60 -11.35
N ALA A 44 8.01 -21.61 -11.16
CA ALA A 44 7.48 -22.95 -10.95
C ALA A 44 6.88 -23.11 -9.56
N ASN A 45 7.35 -22.33 -8.58
CA ASN A 45 6.69 -22.31 -7.27
C ASN A 45 5.31 -21.69 -7.37
N LEU A 46 5.17 -20.63 -8.18
CA LEU A 46 3.91 -19.90 -8.26
C LEU A 46 2.86 -20.70 -9.02
N ARG A 47 3.27 -21.40 -10.08
CA ARG A 47 2.34 -22.23 -10.84
C ARG A 47 1.68 -23.27 -9.94
N GLU A 48 2.46 -23.95 -9.12
CA GLU A 48 1.92 -24.96 -8.21
C GLU A 48 1.06 -24.32 -7.13
N THR A 49 1.53 -23.24 -6.52
CA THR A 49 0.80 -22.61 -5.42
C THR A 49 -0.60 -22.20 -5.86
N PHE A 50 -0.73 -21.63 -7.06
CA PHE A 50 -2.03 -21.24 -7.57
C PHE A 50 -2.77 -22.38 -8.27
N ARG A 51 -2.08 -23.48 -8.58
CA ARG A 51 -2.78 -24.65 -9.07
C ARG A 51 -3.61 -25.30 -7.96
N ASN A 52 -3.10 -25.26 -6.72
CA ASN A 52 -3.90 -25.70 -5.57
C ASN A 52 -4.98 -24.70 -5.21
N LEU A 53 -4.83 -23.44 -5.64
CA LEU A 53 -5.84 -22.41 -5.44
C LEU A 53 -6.91 -22.41 -6.51
N LYS A 54 -6.91 -23.42 -7.38
CA LYS A 54 -7.92 -23.58 -8.44
C LYS A 54 -7.88 -22.43 -9.43
N TYR A 55 -6.68 -21.99 -9.79
CA TYR A 55 -6.48 -20.94 -10.77
C TYR A 55 -6.05 -21.51 -12.11
N GLU A 56 -6.44 -20.83 -13.19
CA GLU A 56 -6.04 -21.20 -14.54
C GLU A 56 -4.73 -20.47 -14.83
N VAL A 57 -3.62 -21.13 -14.52
CA VAL A 57 -2.30 -20.51 -14.58
C VAL A 57 -1.80 -20.50 -16.03
N ARG A 58 -1.02 -19.46 -16.36
CA ARG A 58 -0.41 -19.31 -17.68
C ARG A 58 0.98 -18.69 -17.48
N ASN A 59 2.01 -19.53 -17.53
CA ASN A 59 3.38 -19.03 -17.44
C ASN A 59 3.83 -18.49 -18.80
N LYS A 60 4.42 -17.31 -18.79
CA LYS A 60 4.89 -16.65 -20.01
C LYS A 60 6.34 -16.23 -19.79
N ASN A 61 7.24 -16.68 -20.67
CA ASN A 61 8.67 -16.59 -20.43
C ASN A 61 9.36 -15.66 -21.41
N ASP A 62 10.42 -15.00 -20.91
CA ASP A 62 11.23 -14.01 -21.63
C ASP A 62 10.43 -13.21 -22.64
N LEU A 63 9.50 -12.39 -22.15
CA LEU A 63 8.66 -11.56 -22.99
C LEU A 63 9.27 -10.17 -23.15
N THR A 64 9.30 -9.68 -24.37
CA THR A 64 9.74 -8.31 -24.60
C THR A 64 8.69 -7.33 -24.09
N ARG A 65 9.12 -6.07 -23.88
CA ARG A 65 8.22 -5.08 -23.29
C ARG A 65 6.95 -4.91 -24.10
N GLU A 66 7.05 -5.04 -25.42
CA GLU A 66 5.86 -4.98 -26.27
C GLU A 66 5.01 -6.23 -26.12
N GLU A 67 5.63 -7.38 -25.89
CA GLU A 67 4.86 -8.60 -25.68
C GLU A 67 4.17 -8.60 -24.33
N ILE A 68 4.70 -7.87 -23.35
CA ILE A 68 4.04 -7.75 -22.07
C ILE A 68 2.78 -6.90 -22.19
N VAL A 69 2.89 -5.76 -22.89
CA VAL A 69 1.74 -4.88 -23.08
C VAL A 69 0.62 -5.61 -23.82
N GLU A 70 0.96 -6.21 -24.97
CA GLU A 70 -0.07 -6.77 -25.84
C GLU A 70 -0.71 -8.01 -25.23
N LEU A 71 0.02 -8.76 -24.41
CA LEU A 71 -0.61 -9.87 -23.69
C LEU A 71 -1.64 -9.36 -22.69
N MET A 72 -1.29 -8.31 -21.94
CA MET A 72 -2.23 -7.76 -20.97
C MET A 72 -3.41 -7.07 -21.65
N ARG A 73 -3.22 -6.56 -22.87
CA ARG A 73 -4.37 -6.07 -23.63
C ARG A 73 -5.28 -7.22 -24.04
N ASP A 74 -4.70 -8.39 -24.37
CA ASP A 74 -5.52 -9.53 -24.75
C ASP A 74 -6.20 -10.15 -23.53
N VAL A 75 -5.48 -10.23 -22.40
CA VAL A 75 -6.07 -10.77 -21.19
C VAL A 75 -7.19 -9.87 -20.69
N SER A 76 -6.98 -8.55 -20.74
CA SER A 76 -8.02 -7.62 -20.29
C SER A 76 -9.21 -7.61 -21.24
N LYS A 77 -8.98 -7.88 -22.52
CA LYS A 77 -10.09 -7.99 -23.49
C LYS A 77 -10.55 -9.45 -23.57
N GLU A 78 -10.87 -9.99 -22.40
CA GLU A 78 -11.42 -11.33 -22.25
C GLU A 78 -12.72 -11.22 -21.45
N ASP A 79 -13.57 -12.25 -21.56
CA ASP A 79 -14.80 -12.32 -20.79
C ASP A 79 -14.51 -13.00 -19.45
N HIS A 80 -14.00 -12.21 -18.51
CA HIS A 80 -13.76 -12.64 -17.14
C HIS A 80 -15.04 -12.84 -16.35
N SER A 81 -16.18 -12.73 -17.04
CA SER A 81 -17.49 -12.74 -16.39
C SER A 81 -17.70 -13.96 -15.51
N LYS A 82 -17.06 -15.08 -15.83
CA LYS A 82 -17.21 -16.32 -15.08
C LYS A 82 -16.09 -16.56 -14.08
N ARG A 83 -15.25 -15.57 -13.84
CA ARG A 83 -14.05 -15.73 -13.02
C ARG A 83 -14.12 -14.84 -11.78
N SER A 84 -13.59 -15.36 -10.67
CA SER A 84 -13.71 -14.63 -9.41
C SER A 84 -12.73 -13.47 -9.32
N SER A 85 -11.56 -13.61 -9.95
CA SER A 85 -10.50 -12.63 -9.77
C SER A 85 -9.52 -12.73 -10.93
N PHE A 86 -8.56 -11.80 -10.94
CA PHE A 86 -7.43 -11.84 -11.86
C PHE A 86 -6.15 -11.65 -11.07
N VAL A 87 -5.27 -12.65 -11.13
CA VAL A 87 -3.95 -12.58 -10.52
C VAL A 87 -2.93 -12.35 -11.64
N CYS A 88 -1.97 -11.47 -11.38
CA CYS A 88 -0.87 -11.24 -12.31
C CYS A 88 0.44 -11.20 -11.53
N VAL A 89 1.40 -12.01 -11.94
CA VAL A 89 2.69 -12.14 -11.26
C VAL A 89 3.77 -11.69 -12.22
N LEU A 90 4.44 -10.60 -11.88
CA LEU A 90 5.57 -10.09 -12.66
C LEU A 90 6.87 -10.41 -11.92
N LEU A 91 7.83 -10.99 -12.65
CA LEU A 91 9.13 -11.37 -12.11
C LEU A 91 10.20 -10.89 -13.09
N SER A 92 10.90 -9.80 -12.75
CA SER A 92 11.86 -9.20 -13.66
C SER A 92 12.70 -8.18 -12.89
N HIS A 93 13.60 -7.54 -13.62
CA HIS A 93 14.28 -6.36 -13.11
C HIS A 93 13.28 -5.22 -13.00
N GLY A 94 13.60 -4.23 -12.19
CA GLY A 94 12.65 -3.17 -11.94
C GLY A 94 13.28 -1.88 -11.47
N GLU A 95 12.58 -0.79 -11.75
CA GLU A 95 12.73 0.50 -11.09
C GLU A 95 11.39 0.82 -10.41
N GLU A 96 11.30 2.00 -9.80
CA GLU A 96 10.03 2.43 -9.24
C GLU A 96 9.02 2.70 -10.36
N GLY A 97 7.87 2.05 -10.27
CA GLY A 97 6.86 2.10 -11.31
C GLY A 97 7.29 1.55 -12.65
N ILE A 98 8.47 0.93 -12.76
CA ILE A 98 9.00 0.46 -14.03
C ILE A 98 9.27 -1.04 -13.93
N ILE A 99 8.74 -1.81 -14.87
CA ILE A 99 9.05 -3.22 -15.03
C ILE A 99 9.73 -3.39 -16.38
N PHE A 100 10.57 -4.42 -16.49
CA PHE A 100 11.46 -4.58 -17.63
C PHE A 100 11.04 -5.78 -18.47
N GLY A 101 10.63 -5.51 -19.71
CA GLY A 101 10.70 -6.53 -20.74
C GLY A 101 12.15 -6.80 -21.08
N THR A 102 12.37 -7.88 -21.84
CA THR A 102 13.74 -8.28 -22.11
C THR A 102 14.49 -7.31 -23.02
N ASN A 103 13.83 -6.26 -23.52
CA ASN A 103 14.47 -5.30 -24.40
C ASN A 103 14.36 -3.85 -23.92
N GLY A 104 13.71 -3.61 -22.80
CA GLY A 104 13.52 -2.27 -22.30
C GLY A 104 12.45 -2.18 -21.24
N PRO A 105 12.11 -0.97 -20.82
CA PRO A 105 11.19 -0.79 -19.71
C PRO A 105 9.72 -0.71 -20.12
N VAL A 106 8.87 -1.13 -19.19
CA VAL A 106 7.44 -0.88 -19.25
C VAL A 106 7.10 0.00 -18.05
N ASP A 107 5.98 0.68 -18.13
CA ASP A 107 5.41 1.38 -17.00
C ASP A 107 4.39 0.49 -16.32
N LEU A 108 4.53 0.34 -14.99
CA LEU A 108 3.57 -0.48 -14.25
C LEU A 108 2.15 0.04 -14.40
N LYS A 109 2.00 1.34 -14.65
CA LYS A 109 0.66 1.89 -14.83
C LYS A 109 0.11 1.59 -16.22
N LYS A 110 0.98 1.42 -17.22
CA LYS A 110 0.53 0.93 -18.52
C LYS A 110 -0.21 -0.39 -18.36
N ILE A 111 0.44 -1.37 -17.73
CA ILE A 111 -0.12 -2.72 -17.64
C ILE A 111 -1.42 -2.72 -16.84
N THR A 112 -1.38 -2.13 -15.64
CA THR A 112 -2.52 -2.21 -14.74
C THR A 112 -3.74 -1.47 -15.28
N ASN A 113 -3.54 -0.37 -15.99
CA ASN A 113 -4.67 0.42 -16.46
C ASN A 113 -5.54 -0.33 -17.46
N PHE A 114 -5.02 -1.38 -18.09
CA PHE A 114 -5.85 -2.22 -18.94
C PHE A 114 -6.99 -2.87 -18.17
N PHE A 115 -6.84 -3.02 -16.85
CA PHE A 115 -7.76 -3.79 -16.03
C PHE A 115 -8.63 -2.89 -15.14
N ARG A 116 -8.71 -1.60 -15.44
CA ARG A 116 -9.44 -0.68 -14.59
C ARG A 116 -10.94 -0.99 -14.63
N GLY A 117 -11.72 -0.18 -13.91
CA GLY A 117 -13.16 -0.42 -13.85
C GLY A 117 -13.85 -0.18 -15.18
N ASP A 118 -13.47 0.89 -15.87
CA ASP A 118 -14.12 1.29 -17.12
C ASP A 118 -13.52 0.62 -18.35
N ARG A 119 -12.44 -0.14 -18.19
CA ARG A 119 -11.77 -0.79 -19.32
C ARG A 119 -11.97 -2.30 -19.35
N CYS A 120 -11.85 -2.97 -18.21
CA CYS A 120 -12.10 -4.42 -18.11
C CYS A 120 -13.35 -4.64 -17.27
N ARG A 121 -14.50 -4.34 -17.87
CA ARG A 121 -15.77 -4.39 -17.15
C ARG A 121 -16.15 -5.81 -16.73
N SER A 122 -15.59 -6.83 -17.37
CA SER A 122 -15.74 -8.19 -16.86
C SER A 122 -15.06 -8.36 -15.51
N LEU A 123 -14.23 -7.41 -15.09
CA LEU A 123 -13.49 -7.47 -13.84
C LEU A 123 -13.71 -6.18 -13.05
N THR A 124 -14.98 -5.84 -12.82
CA THR A 124 -15.36 -4.63 -12.09
C THR A 124 -15.97 -5.05 -10.77
N GLY A 125 -15.40 -4.54 -9.67
CA GLY A 125 -15.76 -5.06 -8.37
C GLY A 125 -15.18 -6.42 -8.08
N LYS A 126 -14.19 -6.85 -8.85
CA LYS A 126 -13.57 -8.16 -8.72
C LYS A 126 -12.10 -7.96 -8.36
N PRO A 127 -11.59 -8.68 -7.35
CA PRO A 127 -10.22 -8.38 -6.86
C PRO A 127 -9.17 -8.63 -7.92
N LYS A 128 -8.45 -7.58 -8.28
CA LYS A 128 -7.35 -7.65 -9.24
C LYS A 128 -6.05 -7.52 -8.47
N LEU A 129 -5.34 -8.63 -8.33
CA LEU A 129 -4.08 -8.67 -7.60
C LEU A 129 -2.91 -8.57 -8.57
N PHE A 130 -1.82 -7.95 -8.11
CA PHE A 130 -0.62 -7.79 -8.92
C PHE A 130 0.60 -7.98 -8.02
N ILE A 131 1.36 -9.04 -8.27
CA ILE A 131 2.52 -9.40 -7.49
C ILE A 131 3.77 -9.05 -8.29
N ILE A 132 4.60 -8.17 -7.74
CA ILE A 132 5.72 -7.58 -8.47
C ILE A 132 6.99 -7.88 -7.69
N GLN A 133 7.76 -8.87 -8.18
CA GLN A 133 9.09 -9.18 -7.65
C GLN A 133 10.09 -8.45 -8.54
N ALA A 134 10.44 -7.23 -8.14
CA ALA A 134 11.34 -6.39 -8.91
C ALA A 134 11.83 -5.25 -8.03
N CYS A 135 13.06 -4.82 -8.28
CA CYS A 135 13.60 -3.67 -7.57
C CYS A 135 12.72 -2.44 -7.81
N ARG A 136 12.69 -1.55 -6.82
CA ARG A 136 11.97 -0.30 -6.94
C ARG A 136 12.90 0.89 -6.77
N GLY A 137 14.21 0.62 -6.72
CA GLY A 137 15.20 1.67 -6.55
C GLY A 137 16.56 1.02 -6.34
N THR A 138 17.48 1.81 -5.80
CA THR A 138 18.83 1.34 -5.50
C THR A 138 19.25 1.75 -4.10
N GLU A 139 18.32 1.74 -3.15
CA GLU A 139 18.62 2.03 -1.76
C GLU A 139 18.76 0.74 -0.98
N LEU A 140 19.78 0.69 -0.12
CA LEU A 140 20.11 -0.50 0.64
C LEU A 140 19.55 -0.39 2.06
N ASP A 141 18.67 -1.32 2.42
CA ASP A 141 18.20 -1.46 3.79
C ASP A 141 19.23 -2.29 4.55
N CYS A 142 19.96 -1.65 5.47
CA CYS A 142 20.99 -2.34 6.23
C CYS A 142 20.46 -2.97 7.51
N GLY A 143 19.28 -2.56 7.97
CA GLY A 143 18.65 -3.18 9.12
C GLY A 143 18.94 -2.46 10.42
N ILE A 144 18.53 -3.10 11.51
CA ILE A 144 18.72 -2.57 12.85
C ILE A 144 18.50 -3.71 13.84
N GLU A 145 19.05 -3.57 15.04
CA GLU A 145 19.04 -4.64 16.03
C GLU A 145 18.09 -4.33 17.17
N THR A 146 17.37 -5.36 17.63
CA THR A 146 16.47 -5.23 18.76
C THR A 146 16.98 -5.99 19.97
N LYS B 3 -22.29 3.83 -8.28
CA LYS B 3 -21.07 3.60 -9.05
C LYS B 3 -19.87 3.47 -8.13
N ILE B 4 -18.81 2.86 -8.65
CA ILE B 4 -17.56 2.68 -7.91
C ILE B 4 -16.47 3.40 -8.70
N PRO B 5 -15.35 3.71 -8.05
CA PRO B 5 -14.23 4.32 -8.76
C PRO B 5 -13.61 3.34 -9.76
N VAL B 6 -12.76 3.88 -10.63
CA VAL B 6 -12.09 3.06 -11.63
C VAL B 6 -10.81 2.43 -11.10
N GLU B 7 -10.36 2.81 -9.91
CA GLU B 7 -9.10 2.32 -9.37
C GLU B 7 -9.29 1.52 -8.08
N ALA B 8 -10.52 1.09 -7.79
CA ALA B 8 -10.78 0.28 -6.62
C ALA B 8 -10.58 -1.19 -6.95
N ASP B 9 -10.43 -2.00 -5.89
CA ASP B 9 -10.24 -3.44 -5.98
C ASP B 9 -8.94 -3.81 -6.71
N PHE B 10 -7.96 -2.91 -6.66
CA PHE B 10 -6.60 -3.20 -7.10
C PHE B 10 -5.75 -3.47 -5.87
N LEU B 11 -5.01 -4.57 -5.89
CA LEU B 11 -4.03 -4.85 -4.84
C LEU B 11 -2.66 -5.05 -5.48
N TYR B 12 -1.66 -4.37 -4.95
CA TYR B 12 -0.30 -4.41 -5.46
C TYR B 12 0.61 -4.92 -4.35
N ALA B 13 1.04 -6.17 -4.47
CA ALA B 13 2.03 -6.73 -3.56
C ALA B 13 3.42 -6.46 -4.15
N TYR B 14 4.23 -5.72 -3.40
CA TYR B 14 5.58 -5.37 -3.83
C TYR B 14 6.61 -6.17 -3.05
N SER B 15 7.64 -6.63 -3.74
CA SER B 15 8.69 -7.40 -3.09
C SER B 15 9.45 -6.56 -2.07
N THR B 16 9.72 -5.30 -2.41
CA THR B 16 10.51 -4.42 -1.55
C THR B 16 9.77 -3.11 -1.33
N ALA B 17 10.23 -2.37 -0.31
CA ALA B 17 9.68 -1.06 0.01
C ALA B 17 9.85 -0.11 -1.17
N PRO B 18 9.06 0.95 -1.23
CA PRO B 18 9.18 1.90 -2.35
C PRO B 18 10.56 2.54 -2.41
N GLY B 19 11.26 2.33 -3.51
CA GLY B 19 12.55 2.93 -3.75
C GLY B 19 13.75 2.10 -3.36
N TYR B 20 13.55 0.85 -2.94
CA TYR B 20 14.63 0.03 -2.41
C TYR B 20 14.95 -1.14 -3.33
N TYR B 21 16.03 -1.84 -2.97
CA TYR B 21 16.47 -3.02 -3.69
C TYR B 21 15.61 -4.21 -3.31
N SER B 22 15.38 -5.10 -4.28
CA SER B 22 14.65 -6.35 -4.06
C SER B 22 15.60 -7.51 -4.31
N TRP B 23 15.74 -8.37 -3.30
CA TRP B 23 16.75 -9.43 -3.35
C TRP B 23 16.16 -10.74 -3.89
N ARG B 24 17.07 -11.61 -4.32
CA ARG B 24 16.73 -12.89 -4.92
C ARG B 24 17.92 -13.83 -4.76
N ASN B 25 17.64 -15.06 -4.36
CA ASN B 25 18.70 -16.05 -4.18
C ASN B 25 18.97 -16.78 -5.50
N SER B 26 20.25 -16.97 -5.81
CA SER B 26 20.63 -17.57 -7.08
C SER B 26 20.26 -19.05 -7.15
N LYS B 27 20.08 -19.72 -6.02
CA LYS B 27 19.74 -21.13 -5.98
C LYS B 27 18.27 -21.38 -5.65
N ASP B 28 17.71 -20.64 -4.69
CA ASP B 28 16.35 -20.89 -4.23
C ASP B 28 15.31 -20.05 -4.95
N GLY B 29 15.65 -18.81 -5.30
CA GLY B 29 14.70 -17.88 -5.85
C GLY B 29 14.53 -16.66 -4.97
N SER B 30 13.66 -15.76 -5.42
CA SER B 30 13.48 -14.49 -4.75
C SER B 30 12.89 -14.68 -3.36
N TRP B 31 13.38 -13.88 -2.40
CA TRP B 31 12.91 -13.92 -1.03
C TRP B 31 11.39 -13.77 -0.96
N PHE B 32 10.83 -12.88 -1.78
CA PHE B 32 9.42 -12.56 -1.70
C PHE B 32 8.56 -13.73 -2.16
N ILE B 33 8.77 -14.17 -3.42
CA ILE B 33 7.98 -15.27 -3.96
C ILE B 33 8.17 -16.52 -3.12
N GLN B 34 9.38 -16.71 -2.57
CA GLN B 34 9.61 -17.79 -1.61
C GLN B 34 8.65 -17.72 -0.45
N SER B 35 8.68 -16.60 0.30
CA SER B 35 7.85 -16.47 1.48
C SER B 35 6.37 -16.40 1.14
N LEU B 36 6.02 -15.83 -0.01
CA LEU B 36 4.62 -15.75 -0.41
C LEU B 36 4.04 -17.13 -0.68
N CYS B 37 4.79 -17.99 -1.38
CA CYS B 37 4.28 -19.33 -1.68
C CYS B 37 4.18 -20.17 -0.41
N ALA B 38 5.13 -20.02 0.52
CA ALA B 38 5.08 -20.75 1.77
C ALA B 38 3.83 -20.37 2.58
N MET B 39 3.57 -19.08 2.70
CA MET B 39 2.43 -18.62 3.49
C MET B 39 1.11 -18.89 2.77
N LEU B 40 1.09 -18.74 1.45
CA LEU B 40 -0.12 -19.09 0.70
C LEU B 40 -0.44 -20.57 0.81
N LYS B 41 0.58 -21.42 0.68
CA LYS B 41 0.38 -22.87 0.83
C LYS B 41 -0.01 -23.25 2.26
N GLN B 42 0.32 -22.42 3.25
CA GLN B 42 0.11 -22.76 4.65
C GLN B 42 -1.17 -22.19 5.24
N TYR B 43 -1.61 -21.00 4.79
CA TYR B 43 -2.69 -20.31 5.45
C TYR B 43 -3.86 -19.91 4.54
N ALA B 44 -3.85 -20.29 3.27
CA ALA B 44 -4.98 -19.95 2.41
C ALA B 44 -6.26 -20.64 2.83
N ASP B 45 -6.18 -21.64 3.70
CA ASP B 45 -7.36 -22.32 4.20
C ASP B 45 -8.06 -21.55 5.31
N LYS B 46 -7.35 -20.65 5.97
CA LYS B 46 -7.78 -20.16 7.28
C LYS B 46 -7.65 -18.66 7.47
N LEU B 47 -6.74 -18.00 6.76
CA LEU B 47 -6.45 -16.60 6.98
C LEU B 47 -7.00 -15.75 5.83
N GLU B 48 -7.42 -14.54 6.16
CA GLU B 48 -7.76 -13.57 5.13
C GLU B 48 -6.49 -13.18 4.37
N PHE B 49 -6.68 -12.71 3.13
CA PHE B 49 -5.53 -12.49 2.25
C PHE B 49 -4.55 -11.48 2.85
N MET B 50 -5.06 -10.36 3.37
CA MET B 50 -4.18 -9.37 3.95
C MET B 50 -3.45 -9.92 5.17
N HIS B 51 -4.05 -10.90 5.85
CA HIS B 51 -3.36 -11.56 6.95
C HIS B 51 -2.29 -12.51 6.44
N ILE B 52 -2.51 -13.15 5.30
CA ILE B 52 -1.46 -13.96 4.68
C ILE B 52 -0.32 -13.05 4.24
N LEU B 53 -0.64 -11.87 3.72
CA LEU B 53 0.36 -10.99 3.15
C LEU B 53 1.22 -10.29 4.20
N THR B 54 0.74 -10.19 5.44
CA THR B 54 1.56 -9.61 6.50
C THR B 54 2.54 -10.64 7.07
N ARG B 55 2.12 -11.90 7.15
CA ARG B 55 3.05 -12.96 7.55
C ARG B 55 4.16 -13.12 6.51
N VAL B 56 3.84 -12.88 5.24
CA VAL B 56 4.88 -12.81 4.22
C VAL B 56 5.85 -11.69 4.54
N ASN B 57 5.34 -10.59 5.10
CA ASN B 57 6.20 -9.47 5.46
C ASN B 57 7.10 -9.83 6.63
N ARG B 58 6.54 -10.47 7.65
CA ARG B 58 7.34 -10.92 8.79
C ARG B 58 8.40 -11.93 8.35
N LYS B 59 8.11 -12.72 7.32
CA LYS B 59 9.04 -13.75 6.87
C LYS B 59 10.25 -13.12 6.18
N VAL B 60 10.01 -12.29 5.15
CA VAL B 60 11.11 -11.67 4.42
C VAL B 60 11.90 -10.74 5.32
N ALA B 61 11.23 -10.09 6.29
CA ALA B 61 11.90 -9.12 7.12
C ALA B 61 12.82 -9.78 8.14
N THR B 62 12.42 -10.94 8.66
CA THR B 62 13.13 -11.57 9.77
C THR B 62 13.89 -12.83 9.38
N GLU B 63 13.29 -13.73 8.60
CA GLU B 63 13.95 -14.98 8.25
C GLU B 63 15.03 -14.82 7.19
N PHE B 64 15.17 -13.64 6.58
CA PHE B 64 16.04 -13.47 5.44
C PHE B 64 17.08 -12.38 5.69
N GLU B 65 18.25 -12.55 5.07
CA GLU B 65 19.30 -11.55 5.03
C GLU B 65 20.20 -11.88 3.83
N SER B 66 20.73 -10.83 3.22
CA SER B 66 21.52 -11.03 2.01
C SER B 66 22.87 -11.66 2.34
N PHE B 67 23.45 -12.30 1.32
CA PHE B 67 24.75 -12.93 1.43
C PHE B 67 25.48 -12.73 0.12
N SER B 68 26.59 -11.98 0.14
CA SER B 68 27.29 -11.63 -1.08
C SER B 68 28.79 -11.59 -0.82
N PHE B 69 29.56 -11.95 -1.85
CA PHE B 69 31.00 -11.77 -1.79
C PHE B 69 31.38 -10.31 -1.97
N ASP B 70 30.59 -9.56 -2.75
CA ASP B 70 30.68 -8.11 -2.75
C ASP B 70 30.26 -7.58 -1.39
N ALA B 71 31.16 -6.85 -0.73
CA ALA B 71 30.83 -6.30 0.58
C ALA B 71 29.74 -5.23 0.49
N THR B 72 29.58 -4.61 -0.67
CA THR B 72 28.59 -3.55 -0.83
C THR B 72 27.17 -4.09 -0.74
N PHE B 73 26.94 -5.33 -1.16
CA PHE B 73 25.61 -5.91 -1.20
C PHE B 73 25.39 -6.99 -0.14
N HIS B 74 26.17 -6.98 0.94
CA HIS B 74 26.14 -8.05 1.93
C HIS B 74 25.44 -7.59 3.21
N ALA B 75 24.72 -8.53 3.84
CA ALA B 75 24.03 -8.30 5.11
C ALA B 75 22.96 -7.20 4.99
N LYS B 76 22.17 -7.26 3.92
CA LYS B 76 21.11 -6.30 3.67
C LYS B 76 19.75 -6.94 3.85
N LYS B 77 18.80 -6.15 4.34
CA LYS B 77 17.46 -6.61 4.67
C LYS B 77 16.46 -6.14 3.62
N GLN B 78 15.24 -6.67 3.74
CA GLN B 78 14.17 -6.35 2.79
C GLN B 78 12.83 -6.47 3.50
N ILE B 79 11.97 -5.47 3.30
CA ILE B 79 10.61 -5.47 3.82
C ILE B 79 9.66 -5.31 2.65
N PRO B 80 8.68 -6.19 2.49
CA PRO B 80 7.72 -6.04 1.37
C PRO B 80 6.82 -4.82 1.56
N CYS B 81 5.87 -4.63 0.64
CA CYS B 81 5.01 -3.46 0.68
C CYS B 81 3.66 -3.84 0.07
N ILE B 82 2.63 -3.85 0.90
CA ILE B 82 1.27 -4.10 0.45
C ILE B 82 0.64 -2.76 0.08
N VAL B 83 -0.03 -2.73 -1.07
CA VAL B 83 -0.71 -1.52 -1.56
C VAL B 83 -2.12 -1.94 -1.97
N SER B 84 -3.09 -1.74 -1.09
CA SER B 84 -4.44 -2.27 -1.27
C SER B 84 -5.41 -1.14 -1.60
N MET B 85 -5.94 -1.16 -2.83
CA MET B 85 -7.15 -0.41 -3.17
C MET B 85 -8.38 -1.28 -3.11
N LEU B 86 -8.30 -2.42 -2.42
CA LEU B 86 -9.43 -3.32 -2.30
C LEU B 86 -10.51 -2.70 -1.42
N THR B 87 -11.76 -3.10 -1.68
CA THR B 87 -12.90 -2.59 -0.94
C THR B 87 -13.58 -3.65 -0.08
N LYS B 88 -13.22 -4.91 -0.22
CA LYS B 88 -13.69 -5.97 0.66
C LYS B 88 -12.53 -6.87 1.02
N GLU B 89 -12.79 -7.84 1.90
CA GLU B 89 -11.78 -8.83 2.25
C GLU B 89 -11.75 -9.94 1.22
N LEU B 90 -10.66 -10.69 1.20
CA LEU B 90 -10.41 -11.70 0.18
C LEU B 90 -10.06 -13.01 0.87
N TYR B 91 -10.89 -14.03 0.65
CA TYR B 91 -10.65 -15.39 1.15
C TYR B 91 -10.62 -16.35 -0.03
N PHE B 92 -9.68 -17.29 -0.02
CA PHE B 92 -9.55 -18.26 -1.10
C PHE B 92 -10.40 -19.51 -0.89
N TYR B 93 -11.01 -19.68 0.27
CA TYR B 93 -12.01 -20.72 0.48
C TYR B 93 -13.40 -20.12 0.36
N HIS B 94 -14.40 -21.00 0.28
CA HIS B 94 -15.74 -20.62 -0.18
C HIS B 94 -16.77 -20.83 0.92
N HIS B 95 -17.64 -19.84 1.07
CA HIS B 95 -18.71 -19.87 2.07
C HIS B 95 -18.20 -20.17 3.48
N ASP C 6 5.15 -13.46 17.43
CA ASP C 6 3.78 -12.99 17.61
C ASP C 6 3.13 -12.64 16.28
N ASN C 7 1.91 -13.13 16.07
CA ASN C 7 1.11 -12.68 14.93
C ASN C 7 0.46 -11.34 15.20
N SER C 8 0.46 -10.86 16.44
CA SER C 8 -0.17 -9.60 16.83
C SER C 8 0.87 -8.66 17.40
N TYR C 9 0.66 -7.36 17.16
CA TYR C 9 1.51 -6.35 17.78
C TYR C 9 1.19 -6.24 19.26
N LYS C 10 2.24 -6.12 20.06
CA LYS C 10 2.07 -6.05 21.51
C LYS C 10 1.51 -4.67 21.89
N MET C 11 0.28 -4.65 22.40
CA MET C 11 -0.42 -3.40 22.69
C MET C 11 -0.75 -3.23 24.16
N ASP C 12 -0.31 -4.14 25.03
CA ASP C 12 -0.57 -4.06 26.46
C ASP C 12 0.41 -3.15 27.20
N TYR C 13 1.02 -2.19 26.50
CA TYR C 13 1.92 -1.26 27.16
C TYR C 13 1.13 -0.31 28.06
N PRO C 14 1.81 0.39 28.98
CA PRO C 14 1.09 1.42 29.77
C PRO C 14 0.34 2.41 28.90
N GLU C 15 1.00 2.97 27.89
CA GLU C 15 0.39 3.90 26.96
C GLU C 15 0.12 3.21 25.62
N MET C 16 -0.91 3.68 24.93
CA MET C 16 -1.10 3.28 23.54
C MET C 16 -0.18 4.06 22.61
N GLY C 17 0.12 5.30 22.94
CA GLY C 17 1.06 6.13 22.21
C GLY C 17 0.49 7.50 21.92
N LEU C 18 1.17 8.24 21.05
CA LEU C 18 0.77 9.58 20.67
C LEU C 18 -0.02 9.54 19.37
N CYS C 19 -0.86 10.55 19.18
CA CYS C 19 -1.62 10.75 17.94
C CYS C 19 -1.46 12.22 17.55
N ILE C 20 -0.42 12.50 16.78
CA ILE C 20 -0.12 13.86 16.36
C ILE C 20 -1.01 14.21 15.17
N ILE C 21 -2.01 15.05 15.41
CA ILE C 21 -2.89 15.56 14.37
C ILE C 21 -2.35 16.91 13.93
N ILE C 22 -2.00 17.03 12.65
CA ILE C 22 -1.47 18.26 12.08
C ILE C 22 -2.54 18.82 11.15
N ASN C 23 -3.17 19.92 11.56
CA ASN C 23 -4.30 20.52 10.85
C ASN C 23 -3.85 21.85 10.26
N ASN C 24 -3.63 21.87 8.96
CA ASN C 24 -3.25 23.09 8.24
C ASN C 24 -4.43 23.53 7.39
N LYS C 25 -5.06 24.64 7.80
CA LYS C 25 -6.26 25.17 7.17
C LYS C 25 -5.99 26.43 6.37
N ASN C 26 -5.17 27.35 6.88
CA ASN C 26 -4.90 28.63 6.24
C ASN C 26 -3.46 28.66 5.74
N PHE C 27 -3.29 28.95 4.46
CA PHE C 27 -1.98 29.04 3.84
C PHE C 27 -1.75 30.46 3.34
N HIS C 28 -0.47 30.81 3.18
CA HIS C 28 -0.12 32.15 2.73
C HIS C 28 -0.62 32.40 1.31
N LYS C 29 -1.10 33.62 1.07
CA LYS C 29 -1.44 34.01 -0.30
C LYS C 29 -0.21 34.00 -1.20
N SER C 30 0.98 34.14 -0.64
CA SER C 30 2.21 33.99 -1.42
C SER C 30 2.35 32.59 -1.99
N THR C 31 1.68 31.60 -1.40
CA THR C 31 1.69 30.24 -1.92
C THR C 31 0.52 29.96 -2.86
N GLY C 32 -0.49 30.82 -2.88
CA GLY C 32 -1.60 30.64 -3.80
C GLY C 32 -2.54 29.50 -3.49
N MET C 33 -2.39 28.84 -2.35
CA MET C 33 -3.27 27.75 -1.98
C MET C 33 -4.46 28.28 -1.21
N THR C 34 -5.61 27.66 -1.41
CA THR C 34 -6.86 28.12 -0.82
C THR C 34 -6.97 27.66 0.62
N SER C 35 -7.70 28.44 1.42
CA SER C 35 -8.01 28.04 2.78
C SER C 35 -8.94 26.82 2.75
N ARG C 36 -8.57 25.78 3.49
CA ARG C 36 -9.25 24.50 3.41
C ARG C 36 -10.41 24.48 4.41
N SER C 37 -11.64 24.59 3.89
CA SER C 37 -12.82 24.66 4.74
C SER C 37 -13.23 23.27 5.19
N GLY C 38 -13.79 23.21 6.40
CA GLY C 38 -14.25 21.95 6.96
C GLY C 38 -13.17 21.06 7.51
N THR C 39 -11.90 21.46 7.40
CA THR C 39 -10.81 20.68 7.98
C THR C 39 -10.81 20.70 9.50
N ASP C 40 -11.58 21.59 10.12
CA ASP C 40 -11.70 21.60 11.57
C ASP C 40 -12.62 20.49 12.06
N VAL C 41 -13.62 20.11 11.26
CA VAL C 41 -14.44 18.95 11.59
C VAL C 41 -13.62 17.68 11.45
N ASP C 42 -12.61 17.67 10.56
CA ASP C 42 -11.68 16.55 10.49
C ASP C 42 -10.82 16.47 11.75
N ALA C 43 -10.06 17.53 12.03
CA ALA C 43 -9.14 17.52 13.17
C ALA C 43 -9.87 17.31 14.50
N ALA C 44 -11.15 17.63 14.58
CA ALA C 44 -11.91 17.42 15.82
C ALA C 44 -12.47 16.00 15.91
N ASN C 45 -12.83 15.40 14.78
CA ASN C 45 -13.28 14.00 14.80
C ASN C 45 -12.13 13.04 15.00
N LEU C 46 -10.92 13.42 14.58
CA LEU C 46 -9.74 12.59 14.84
C LEU C 46 -9.35 12.65 16.31
N ARG C 47 -9.43 13.83 16.92
CA ARG C 47 -9.12 13.96 18.34
C ARG C 47 -10.02 13.07 19.18
N GLU C 48 -11.32 13.05 18.87
CA GLU C 48 -12.27 12.29 19.67
C GLU C 48 -12.08 10.79 19.49
N THR C 49 -11.82 10.35 18.25
CA THR C 49 -11.74 8.91 17.98
C THR C 49 -10.57 8.26 18.71
N PHE C 50 -9.38 8.85 18.60
CA PHE C 50 -8.22 8.28 19.27
C PHE C 50 -8.22 8.49 20.77
N ARG C 51 -8.96 9.49 21.26
CA ARG C 51 -9.12 9.62 22.70
C ARG C 51 -9.94 8.46 23.26
N ASN C 52 -10.83 7.88 22.45
CA ASN C 52 -11.46 6.63 22.82
C ASN C 52 -10.47 5.47 22.77
N LEU C 53 -9.58 5.48 21.77
CA LEU C 53 -8.52 4.48 21.59
C LEU C 53 -7.36 4.66 22.55
N LYS C 54 -7.51 5.59 23.50
CA LYS C 54 -6.55 5.82 24.59
C LYS C 54 -5.22 6.37 24.10
N TYR C 55 -5.24 7.19 23.05
CA TYR C 55 -4.02 7.80 22.53
C TYR C 55 -3.82 9.19 23.12
N GLU C 56 -2.59 9.46 23.56
CA GLU C 56 -2.21 10.78 24.07
C GLU C 56 -2.13 11.74 22.89
N VAL C 57 -3.28 12.27 22.50
CA VAL C 57 -3.40 13.09 21.29
C VAL C 57 -2.82 14.46 21.54
N ARG C 58 -2.05 14.96 20.57
CA ARG C 58 -1.50 16.31 20.57
C ARG C 58 -1.94 16.97 19.27
N ASN C 59 -2.86 17.93 19.38
CA ASN C 59 -3.44 18.59 18.21
C ASN C 59 -2.65 19.85 17.87
N LYS C 60 -2.23 19.96 16.62
CA LYS C 60 -1.46 21.11 16.14
C LYS C 60 -2.17 21.73 14.95
N ASN C 61 -2.41 23.05 15.01
CA ASN C 61 -3.06 23.78 13.94
C ASN C 61 -2.09 24.73 13.26
N ASP C 62 -2.27 24.87 11.94
CA ASP C 62 -1.49 25.77 11.08
C ASP C 62 -0.01 25.83 11.43
N LEU C 63 0.77 24.92 10.84
CA LEU C 63 2.21 24.87 11.02
C LEU C 63 2.90 25.16 9.70
N THR C 64 4.04 25.83 9.76
CA THR C 64 4.82 26.05 8.56
C THR C 64 5.44 24.74 8.09
N ARG C 65 6.03 24.79 6.89
CA ARG C 65 6.70 23.60 6.36
C ARG C 65 7.88 23.21 7.22
N GLU C 66 8.47 24.16 7.95
CA GLU C 66 9.51 23.85 8.91
C GLU C 66 8.93 23.41 10.25
N GLU C 67 7.88 24.11 10.70
CA GLU C 67 7.22 23.75 11.96
C GLU C 67 6.72 22.31 11.95
N ILE C 68 6.66 21.68 10.78
CA ILE C 68 6.33 20.26 10.71
C ILE C 68 7.58 19.41 10.91
N VAL C 69 8.65 19.73 10.17
CA VAL C 69 9.84 18.88 10.16
C VAL C 69 10.52 18.88 11.53
N GLU C 70 10.61 20.04 12.18
CA GLU C 70 11.23 20.08 13.51
C GLU C 70 10.34 19.45 14.56
N LEU C 71 9.02 19.60 14.44
CA LEU C 71 8.11 18.92 15.35
C LEU C 71 8.27 17.42 15.26
N MET C 72 8.44 16.90 14.03
CA MET C 72 8.63 15.46 13.87
C MET C 72 9.99 15.01 14.39
N ARG C 73 10.98 15.90 14.41
CA ARG C 73 12.24 15.58 15.05
C ARG C 73 12.07 15.45 16.57
N ASP C 74 11.31 16.37 17.17
CA ASP C 74 11.12 16.34 18.61
C ASP C 74 10.42 15.06 19.06
N VAL C 75 9.36 14.66 18.33
CA VAL C 75 8.66 13.42 18.66
C VAL C 75 9.58 12.22 18.48
N SER C 76 10.41 12.25 17.43
CA SER C 76 11.34 11.15 17.21
C SER C 76 12.39 11.08 18.30
N LYS C 77 12.79 12.23 18.86
CA LYS C 77 13.66 12.25 20.04
C LYS C 77 12.80 12.19 21.31
N GLU C 78 12.10 11.07 21.45
CA GLU C 78 11.29 10.84 22.64
C GLU C 78 11.46 9.39 23.09
N ASP C 79 11.32 9.19 24.41
CA ASP C 79 11.36 7.86 25.00
C ASP C 79 9.98 7.22 24.87
N HIS C 80 9.69 6.75 23.66
CA HIS C 80 8.49 5.96 23.40
C HIS C 80 8.54 4.57 24.02
N SER C 81 9.47 4.37 24.96
CA SER C 81 9.74 3.04 25.50
C SER C 81 8.49 2.40 26.11
N LYS C 82 7.55 3.21 26.59
CA LYS C 82 6.38 2.70 27.29
C LYS C 82 5.09 2.78 26.47
N ARG C 83 5.21 2.98 25.16
CA ARG C 83 4.04 3.18 24.31
C ARG C 83 3.87 2.03 23.33
N SER C 84 2.61 1.75 22.98
CA SER C 84 2.31 0.60 22.14
C SER C 84 2.55 0.90 20.67
N SER C 85 2.28 2.13 20.24
CA SER C 85 2.37 2.48 18.83
C SER C 85 2.34 4.01 18.71
N PHE C 86 2.76 4.50 17.55
CA PHE C 86 2.75 5.93 17.26
C PHE C 86 1.88 6.20 16.04
N VAL C 87 0.82 6.98 16.23
CA VAL C 87 -0.05 7.42 15.16
C VAL C 87 0.33 8.86 14.81
N CYS C 88 0.18 9.21 13.53
CA CYS C 88 0.42 10.58 13.08
C CYS C 88 -0.59 10.89 11.98
N VAL C 89 -1.38 11.95 12.17
CA VAL C 89 -2.40 12.36 11.22
C VAL C 89 -1.98 13.68 10.59
N LEU C 90 -2.03 13.74 9.26
CA LEU C 90 -1.59 14.90 8.49
C LEU C 90 -2.71 15.32 7.55
N LEU C 91 -3.22 16.54 7.75
CA LEU C 91 -4.33 17.08 6.97
C LEU C 91 -3.86 18.37 6.33
N SER C 92 -3.83 18.38 5.01
CA SER C 92 -3.33 19.54 4.26
C SER C 92 -3.60 19.31 2.78
N HIS C 93 -3.19 20.29 1.98
CA HIS C 93 -3.00 20.12 0.55
C HIS C 93 -1.74 19.29 0.30
N GLY C 94 -1.50 18.99 -0.98
CA GLY C 94 -0.29 18.29 -1.31
C GLY C 94 -0.32 17.73 -2.72
N GLU C 95 0.80 17.12 -3.08
CA GLU C 95 1.00 16.42 -4.35
C GLU C 95 1.42 14.99 -4.01
N GLU C 96 1.93 14.27 -5.01
CA GLU C 96 2.40 12.91 -4.77
C GLU C 96 3.68 12.94 -3.95
N GLY C 97 3.65 12.31 -2.78
CA GLY C 97 4.78 12.29 -1.89
C GLY C 97 5.12 13.62 -1.24
N ILE C 98 4.35 14.67 -1.50
CA ILE C 98 4.62 16.00 -1.00
C ILE C 98 3.44 16.44 -0.13
N ILE C 99 3.75 16.95 1.05
CA ILE C 99 2.77 17.59 1.92
C ILE C 99 3.10 19.08 1.98
N PHE C 100 2.07 19.91 2.01
CA PHE C 100 2.23 21.36 2.02
C PHE C 100 2.10 21.89 3.43
N GLY C 101 3.15 22.55 3.91
CA GLY C 101 3.01 23.39 5.09
C GLY C 101 2.24 24.65 4.73
N THR C 102 2.14 25.54 5.71
CA THR C 102 1.46 26.80 5.45
C THR C 102 2.33 27.81 4.70
N ASN C 103 3.53 27.40 4.28
CA ASN C 103 4.39 28.28 3.48
C ASN C 103 5.12 27.56 2.36
N GLY C 104 4.97 26.25 2.23
CA GLY C 104 5.65 25.52 1.18
C GLY C 104 5.56 24.01 1.32
N PRO C 105 6.13 23.29 0.37
CA PRO C 105 6.05 21.83 0.37
C PRO C 105 7.02 21.18 1.35
N VAL C 106 6.67 19.95 1.73
CA VAL C 106 7.54 19.05 2.50
C VAL C 106 7.33 17.64 1.99
N ASP C 107 8.43 16.92 1.76
CA ASP C 107 8.34 15.51 1.40
C ASP C 107 7.82 14.69 2.58
N LEU C 108 7.03 13.67 2.27
CA LEU C 108 6.66 12.69 3.29
C LEU C 108 7.87 11.85 3.70
N LYS C 109 8.81 11.64 2.78
CA LYS C 109 10.01 10.86 3.07
C LYS C 109 10.95 11.55 4.05
N LYS C 110 10.66 12.79 4.44
CA LYS C 110 11.35 13.44 5.54
C LYS C 110 10.65 13.22 6.87
N ILE C 111 9.34 13.51 6.90
CA ILE C 111 8.53 13.37 8.12
C ILE C 111 8.67 11.97 8.69
N THR C 112 8.64 10.96 7.84
CA THR C 112 8.62 9.59 8.31
C THR C 112 10.01 9.04 8.57
N ASN C 113 11.03 9.57 7.89
CA ASN C 113 12.39 9.05 8.06
C ASN C 113 12.89 9.23 9.48
N PHE C 114 12.37 10.22 10.21
CA PHE C 114 12.69 10.38 11.62
C PHE C 114 12.34 9.16 12.44
N PHE C 115 11.42 8.32 11.95
CA PHE C 115 10.82 7.25 12.73
C PHE C 115 11.22 5.87 12.26
N ARG C 116 12.32 5.76 11.51
CA ARG C 116 12.83 4.45 11.14
C ARG C 116 13.55 3.81 12.34
N GLY C 117 13.49 2.49 12.40
CA GLY C 117 14.02 1.75 13.53
C GLY C 117 15.47 2.04 13.87
N ASP C 118 16.24 2.52 12.88
CA ASP C 118 17.64 2.85 13.11
C ASP C 118 17.82 4.28 13.60
N ARG C 119 16.80 5.12 13.55
CA ARG C 119 16.87 6.49 14.02
C ARG C 119 16.03 6.75 15.26
N CYS C 120 14.94 5.99 15.45
CA CYS C 120 14.08 6.13 16.63
C CYS C 120 13.96 4.75 17.29
N ARG C 121 15.03 4.35 17.99
CA ARG C 121 15.09 3.01 18.57
C ARG C 121 14.05 2.79 19.67
N SER C 122 13.50 3.86 20.24
CA SER C 122 12.36 3.74 21.13
C SER C 122 11.13 3.15 20.43
N LEU C 123 11.14 3.09 19.10
CA LEU C 123 9.99 2.66 18.32
C LEU C 123 10.42 1.68 17.24
N THR C 124 11.11 0.61 17.65
CA THR C 124 11.52 -0.45 16.75
C THR C 124 10.68 -1.68 17.06
N GLY C 125 10.02 -2.22 16.04
CA GLY C 125 9.09 -3.31 16.24
C GLY C 125 7.71 -2.89 16.68
N LYS C 126 7.35 -1.63 16.48
CA LYS C 126 6.10 -1.09 16.99
C LYS C 126 5.31 -0.45 15.85
N PRO C 127 3.97 -0.53 15.89
CA PRO C 127 3.17 0.01 14.78
C PRO C 127 3.33 1.52 14.64
N LYS C 128 3.75 1.94 13.44
CA LYS C 128 3.85 3.35 13.09
C LYS C 128 2.87 3.62 11.96
N LEU C 129 1.76 4.27 12.29
CA LEU C 129 0.68 4.53 11.35
C LEU C 129 0.68 6.00 10.96
N PHE C 130 0.68 6.27 9.66
CA PHE C 130 0.68 7.63 9.13
C PHE C 130 -0.56 7.81 8.27
N ILE C 131 -1.48 8.65 8.73
CA ILE C 131 -2.72 8.94 8.03
C ILE C 131 -2.53 10.28 7.32
N ILE C 132 -2.55 10.25 5.99
CA ILE C 132 -2.28 11.43 5.16
C ILE C 132 -3.54 11.77 4.38
N GLN C 133 -4.17 12.89 4.73
CA GLN C 133 -5.30 13.44 3.98
C GLN C 133 -4.78 14.59 3.14
N ALA C 134 -4.57 14.34 1.86
CA ALA C 134 -4.02 15.34 0.95
C ALA C 134 -4.13 14.82 -0.48
N CYS C 135 -4.24 15.74 -1.42
CA CYS C 135 -4.15 15.37 -2.83
C CYS C 135 -2.80 14.73 -3.12
N ARG C 136 -2.78 13.85 -4.12
CA ARG C 136 -1.56 13.14 -4.48
C ARG C 136 -1.26 13.34 -5.96
N GLY C 137 -1.74 14.44 -6.52
CA GLY C 137 -1.73 14.75 -7.94
C GLY C 137 -3.04 15.34 -8.34
N THR C 138 -3.23 15.51 -9.65
CA THR C 138 -4.45 16.10 -10.20
C THR C 138 -5.03 15.15 -11.25
N GLU C 139 -5.54 14.01 -10.79
CA GLU C 139 -6.32 13.10 -11.61
C GLU C 139 -7.76 13.09 -11.11
N LEU C 140 -8.67 12.66 -11.98
CA LEU C 140 -10.08 12.59 -11.66
C LEU C 140 -10.58 11.17 -11.86
N ASP C 141 -11.35 10.68 -10.89
CA ASP C 141 -11.94 9.35 -10.94
C ASP C 141 -13.42 9.52 -11.27
N CYS C 142 -13.74 9.49 -12.57
CA CYS C 142 -15.12 9.61 -13.00
C CYS C 142 -15.96 8.40 -12.59
N GLY C 143 -15.33 7.25 -12.40
CA GLY C 143 -16.04 6.06 -11.98
C GLY C 143 -16.54 5.23 -13.14
N ILE C 144 -17.35 4.24 -12.78
CA ILE C 144 -17.94 3.29 -13.73
C ILE C 144 -19.12 2.62 -13.05
N GLU C 145 -20.32 2.82 -13.60
CA GLU C 145 -21.54 2.48 -12.89
C GLU C 145 -21.68 0.96 -12.73
N THR C 146 -21.86 0.52 -11.49
CA THR C 146 -22.00 -0.90 -11.17
C THR C 146 -23.37 -1.42 -11.61
N LYS D 3 18.17 -9.09 13.41
CA LYS D 3 18.11 -7.84 12.65
C LYS D 3 16.79 -7.74 11.89
N ILE D 4 16.13 -6.59 11.98
CA ILE D 4 14.89 -6.36 11.25
C ILE D 4 15.10 -5.15 10.33
N PRO D 5 14.35 -5.00 9.24
CA PRO D 5 14.54 -3.85 8.36
C PRO D 5 14.18 -2.54 9.05
N VAL D 6 14.76 -1.45 8.54
CA VAL D 6 14.56 -0.15 9.16
C VAL D 6 13.14 0.37 8.90
N GLU D 7 12.61 0.11 7.71
CA GLU D 7 11.29 0.60 7.33
C GLU D 7 10.20 -0.45 7.48
N ALA D 8 10.54 -1.60 8.07
CA ALA D 8 9.49 -2.51 8.52
C ALA D 8 8.65 -1.81 9.59
N ASP D 9 7.43 -2.31 9.75
CA ASP D 9 6.51 -1.85 10.80
C ASP D 9 6.05 -0.41 10.54
N PHE D 10 5.86 -0.08 9.26
CA PHE D 10 5.32 1.19 8.83
C PHE D 10 3.99 0.95 8.13
N LEU D 11 3.06 1.90 8.27
CA LEU D 11 1.78 1.81 7.57
C LEU D 11 1.35 3.21 7.20
N TYR D 12 1.23 3.47 5.89
CA TYR D 12 0.82 4.77 5.36
C TYR D 12 -0.59 4.62 4.80
N ALA D 13 -1.54 5.30 5.42
CA ALA D 13 -2.92 5.33 4.94
C ALA D 13 -3.12 6.62 4.16
N TYR D 14 -3.34 6.50 2.86
CA TYR D 14 -3.56 7.65 1.99
C TYR D 14 -5.05 7.82 1.74
N SER D 15 -5.49 9.08 1.69
CA SER D 15 -6.91 9.36 1.47
C SER D 15 -7.33 8.97 0.06
N THR D 16 -6.48 9.22 -0.92
CA THR D 16 -6.76 8.92 -2.31
C THR D 16 -5.67 8.02 -2.89
N ALA D 17 -5.92 7.52 -4.09
CA ALA D 17 -4.96 6.69 -4.80
C ALA D 17 -3.81 7.56 -5.30
N PRO D 18 -2.64 6.97 -5.54
CA PRO D 18 -1.49 7.74 -6.03
C PRO D 18 -1.82 8.43 -7.35
N GLY D 19 -1.54 9.72 -7.41
CA GLY D 19 -1.76 10.50 -8.61
C GLY D 19 -3.09 11.21 -8.69
N TYR D 20 -3.96 11.07 -7.69
CA TYR D 20 -5.34 11.53 -7.78
C TYR D 20 -5.62 12.66 -6.80
N TYR D 21 -6.73 13.35 -7.05
CA TYR D 21 -7.26 14.31 -6.09
C TYR D 21 -7.78 13.60 -4.84
N SER D 22 -7.63 14.27 -3.71
CA SER D 22 -8.28 13.86 -2.47
C SER D 22 -9.39 14.85 -2.15
N TRP D 23 -10.62 14.36 -2.08
CA TRP D 23 -11.78 15.24 -1.97
C TRP D 23 -12.11 15.53 -0.51
N ARG D 24 -12.74 16.69 -0.30
CA ARG D 24 -13.08 17.19 1.02
C ARG D 24 -14.41 17.92 0.94
N ASN D 25 -15.28 17.70 1.92
CA ASN D 25 -16.56 18.39 1.99
C ASN D 25 -16.38 19.73 2.70
N SER D 26 -17.12 20.74 2.24
CA SER D 26 -16.91 22.09 2.75
C SER D 26 -17.37 22.26 4.18
N LYS D 27 -18.35 21.48 4.62
CA LYS D 27 -18.93 21.65 5.94
C LYS D 27 -18.85 20.41 6.83
N ASP D 28 -18.46 19.26 6.30
CA ASP D 28 -18.41 18.03 7.08
C ASP D 28 -17.00 17.49 7.29
N GLY D 29 -16.04 17.89 6.47
CA GLY D 29 -14.72 17.30 6.50
C GLY D 29 -14.52 16.33 5.34
N SER D 30 -13.25 15.94 5.16
CA SER D 30 -12.88 15.12 4.01
C SER D 30 -13.55 13.75 4.09
N TRP D 31 -13.83 13.17 2.92
CA TRP D 31 -14.47 11.86 2.84
C TRP D 31 -13.68 10.82 3.63
N PHE D 32 -12.36 10.82 3.50
CA PHE D 32 -11.53 9.82 4.13
C PHE D 32 -11.63 9.89 5.66
N ILE D 33 -11.27 11.05 6.22
CA ILE D 33 -11.27 11.22 7.67
C ILE D 33 -12.66 10.95 8.23
N GLN D 34 -13.71 11.30 7.48
CA GLN D 34 -15.06 10.94 7.87
C GLN D 34 -15.21 9.44 8.05
N SER D 35 -14.99 8.68 6.97
CA SER D 35 -15.22 7.24 7.01
C SER D 35 -14.27 6.54 7.98
N LEU D 36 -13.03 7.03 8.06
CA LEU D 36 -12.06 6.43 8.97
C LEU D 36 -12.54 6.49 10.42
N CYS D 37 -13.13 7.62 10.81
CA CYS D 37 -13.55 7.77 12.21
C CYS D 37 -14.79 6.94 12.51
N ALA D 38 -15.72 6.86 11.56
CA ALA D 38 -16.91 6.05 11.76
C ALA D 38 -16.56 4.57 11.88
N MET D 39 -15.66 4.09 11.03
CA MET D 39 -15.31 2.67 11.05
C MET D 39 -14.47 2.32 12.26
N LEU D 40 -13.59 3.23 12.69
CA LEU D 40 -12.83 3.00 13.92
C LEU D 40 -13.78 2.94 15.12
N LYS D 41 -14.67 3.93 15.25
CA LYS D 41 -15.65 3.90 16.32
C LYS D 41 -16.52 2.66 16.26
N GLN D 42 -16.89 2.22 15.05
CA GLN D 42 -17.84 1.12 14.91
C GLN D 42 -17.16 -0.23 15.11
N TYR D 43 -15.91 -0.39 14.67
CA TYR D 43 -15.31 -1.72 14.57
C TYR D 43 -13.97 -1.89 15.28
N ALA D 44 -13.48 -0.88 16.01
CA ALA D 44 -12.20 -1.08 16.69
C ALA D 44 -12.29 -2.08 17.83
N ASP D 45 -13.51 -2.39 18.29
CA ASP D 45 -13.71 -3.40 19.32
C ASP D 45 -13.87 -4.80 18.76
N LYS D 46 -13.80 -4.96 17.43
CA LYS D 46 -14.06 -6.25 16.80
C LYS D 46 -12.96 -6.63 15.81
N LEU D 47 -12.69 -5.74 14.86
CA LEU D 47 -11.91 -6.07 13.68
C LEU D 47 -10.44 -5.69 13.86
N GLU D 48 -9.59 -6.38 13.12
CA GLU D 48 -8.21 -5.95 12.96
C GLU D 48 -8.18 -4.60 12.23
N PHE D 49 -7.06 -3.88 12.39
CA PHE D 49 -6.96 -2.55 11.79
C PHE D 49 -7.11 -2.61 10.27
N MET D 50 -6.44 -3.57 9.63
CA MET D 50 -6.49 -3.66 8.17
C MET D 50 -7.92 -3.90 7.69
N HIS D 51 -8.69 -4.70 8.43
CA HIS D 51 -10.08 -4.92 8.07
C HIS D 51 -10.93 -3.68 8.35
N ILE D 52 -10.53 -2.86 9.33
CA ILE D 52 -11.16 -1.56 9.52
C ILE D 52 -10.83 -0.65 8.34
N LEU D 53 -9.58 -0.70 7.86
CA LEU D 53 -9.15 0.21 6.81
C LEU D 53 -9.76 -0.13 5.45
N THR D 54 -10.01 -1.42 5.19
CA THR D 54 -10.65 -1.79 3.93
C THR D 54 -12.12 -1.39 3.91
N ARG D 55 -12.79 -1.44 5.08
CA ARG D 55 -14.17 -0.96 5.14
C ARG D 55 -14.23 0.54 4.93
N VAL D 56 -13.19 1.27 5.35
CA VAL D 56 -13.06 2.67 4.99
C VAL D 56 -12.95 2.81 3.47
N ASN D 57 -12.24 1.88 2.84
CA ASN D 57 -12.09 1.93 1.39
C ASN D 57 -13.43 1.70 0.69
N ARG D 58 -14.24 0.75 1.19
CA ARG D 58 -15.57 0.55 0.65
C ARG D 58 -16.46 1.76 0.89
N LYS D 59 -16.26 2.45 2.01
CA LYS D 59 -17.14 3.57 2.36
C LYS D 59 -16.86 4.78 1.47
N VAL D 60 -15.58 5.16 1.35
CA VAL D 60 -15.22 6.30 0.50
C VAL D 60 -15.47 5.98 -0.97
N ALA D 61 -15.43 4.69 -1.35
CA ALA D 61 -15.65 4.33 -2.73
C ALA D 61 -17.13 4.26 -3.07
N THR D 62 -17.95 3.66 -2.21
CA THR D 62 -19.36 3.46 -2.53
C THR D 62 -20.25 4.61 -2.06
N GLU D 63 -20.07 5.07 -0.83
CA GLU D 63 -20.99 6.03 -0.23
C GLU D 63 -20.73 7.48 -0.62
N PHE D 64 -19.66 7.76 -1.37
CA PHE D 64 -19.26 9.14 -1.58
C PHE D 64 -19.26 9.49 -3.06
N GLU D 65 -19.45 10.78 -3.33
CA GLU D 65 -19.44 11.33 -4.69
C GLU D 65 -19.38 12.85 -4.62
N SER D 66 -18.55 13.46 -5.45
CA SER D 66 -18.34 14.91 -5.36
C SER D 66 -19.59 15.67 -5.79
N PHE D 67 -19.81 16.81 -5.15
CA PHE D 67 -20.83 17.77 -5.53
C PHE D 67 -20.14 19.12 -5.69
N SER D 68 -20.25 19.72 -6.88
CA SER D 68 -19.55 20.95 -7.18
C SER D 68 -20.31 21.74 -8.23
N PHE D 69 -20.45 23.05 -8.01
CA PHE D 69 -21.02 23.91 -9.02
C PHE D 69 -20.16 23.93 -10.27
N ASP D 70 -18.85 23.76 -10.12
CA ASP D 70 -17.98 23.50 -11.24
C ASP D 70 -18.27 22.12 -11.80
N ALA D 71 -18.59 22.04 -13.10
CA ALA D 71 -18.90 20.75 -13.72
C ALA D 71 -17.67 19.87 -13.83
N THR D 72 -16.48 20.48 -13.99
CA THR D 72 -15.25 19.71 -14.12
C THR D 72 -15.01 18.84 -12.90
N PHE D 73 -15.50 19.26 -11.73
CA PHE D 73 -15.22 18.59 -10.47
C PHE D 73 -16.46 17.94 -9.84
N HIS D 74 -17.46 17.64 -10.64
CA HIS D 74 -18.73 17.10 -10.13
C HIS D 74 -18.86 15.62 -10.46
N ALA D 75 -19.49 14.88 -9.54
CA ALA D 75 -19.73 13.45 -9.69
C ALA D 75 -18.42 12.66 -9.76
N LYS D 76 -17.43 13.09 -9.00
CA LYS D 76 -16.13 12.41 -8.96
C LYS D 76 -16.08 11.42 -7.79
N LYS D 77 -15.19 10.44 -7.93
CA LYS D 77 -15.04 9.36 -6.95
C LYS D 77 -13.64 9.37 -6.36
N GLN D 78 -13.47 8.58 -5.30
CA GLN D 78 -12.20 8.50 -4.59
C GLN D 78 -12.06 7.10 -3.99
N ILE D 79 -10.83 6.61 -3.95
CA ILE D 79 -10.55 5.30 -3.37
C ILE D 79 -9.28 5.38 -2.52
N PRO D 80 -9.36 5.14 -1.22
CA PRO D 80 -8.16 5.25 -0.37
C PRO D 80 -7.15 4.15 -0.68
N CYS D 81 -5.90 4.44 -0.31
CA CYS D 81 -4.76 3.60 -0.64
C CYS D 81 -4.03 3.21 0.63
N ILE D 82 -4.16 1.95 1.04
CA ILE D 82 -3.40 1.43 2.16
C ILE D 82 -2.02 1.03 1.67
N VAL D 83 -0.98 1.54 2.34
CA VAL D 83 0.40 1.17 2.04
C VAL D 83 0.98 0.61 3.34
N SER D 84 0.91 -0.71 3.49
CA SER D 84 1.25 -1.37 4.74
C SER D 84 2.58 -2.10 4.59
N MET D 85 3.58 -1.66 5.36
CA MET D 85 4.86 -2.35 5.48
C MET D 85 5.02 -2.93 6.89
N LEU D 86 3.90 -3.36 7.47
CA LEU D 86 3.89 -3.94 8.81
C LEU D 86 4.35 -5.40 8.75
N THR D 87 4.53 -5.98 9.93
CA THR D 87 4.90 -7.39 10.04
C THR D 87 3.97 -8.20 10.94
N LYS D 88 3.10 -7.55 11.72
CA LYS D 88 2.20 -8.25 12.64
C LYS D 88 0.83 -7.59 12.57
N GLU D 89 -0.16 -8.25 13.16
CA GLU D 89 -1.52 -7.73 13.17
C GLU D 89 -1.68 -6.66 14.24
N LEU D 90 -2.46 -5.63 13.93
CA LEU D 90 -2.69 -4.51 14.83
C LEU D 90 -4.10 -4.60 15.39
N TYR D 91 -4.20 -4.72 16.71
CA TYR D 91 -5.48 -4.77 17.41
C TYR D 91 -5.49 -3.68 18.47
N PHE D 92 -6.58 -2.91 18.52
CA PHE D 92 -6.67 -1.79 19.43
C PHE D 92 -7.18 -2.17 20.82
N TYR D 93 -7.82 -3.33 20.97
CA TYR D 93 -8.26 -3.80 22.27
C TYR D 93 -7.21 -4.75 22.85
N HIS D 94 -7.58 -5.50 23.88
CA HIS D 94 -6.62 -6.37 24.56
C HIS D 94 -7.09 -7.82 24.56
N VAL E 2 24.31 -17.50 -3.59
CA VAL E 2 24.42 -16.19 -2.97
C VAL E 2 23.24 -15.31 -3.40
N ASP E 3 23.00 -14.23 -2.67
CA ASP E 3 21.84 -13.38 -2.89
C ASP E 3 22.20 -12.22 -3.81
N VAL E 4 21.27 -11.87 -4.70
CA VAL E 4 21.49 -10.86 -5.74
C VAL E 4 20.33 -9.87 -5.73
N ASP E 6 17.54 -7.35 -7.60
CA ASP E 6 16.79 -7.22 -8.84
C ASP E 6 16.78 -5.77 -9.33
N VAL F 2 -20.48 21.83 -0.44
CA VAL F 2 -19.87 21.59 -1.75
C VAL F 2 -18.49 20.95 -1.59
N ASP F 3 -18.25 19.86 -2.32
CA ASP F 3 -17.00 19.13 -2.22
C ASP F 3 -15.89 19.85 -2.97
N VAL F 4 -14.76 20.06 -2.31
CA VAL F 4 -13.61 20.75 -2.91
C VAL F 4 -12.38 19.83 -2.80
N ASP F 6 -8.35 18.67 -2.32
CA ASP F 6 -7.13 19.00 -1.60
C ASP F 6 -5.91 18.91 -2.50
#